data_4LQE
#
_entry.id   4LQE
#
_cell.length_a   44.645
_cell.length_b   91.139
_cell.length_c   100.004
_cell.angle_alpha   90.00
_cell.angle_beta   90.00
_cell.angle_gamma   90.00
#
_symmetry.space_group_name_H-M   'I 2 2 2'
#
loop_
_entity.id
_entity.type
_entity.pdbx_description
1 polymer MepB
2 non-polymer 'SULFATE ION'
3 water water
#
_entity_poly.entity_id   1
_entity_poly.type   'polypeptide(L)'
_entity_poly.pdbx_seq_one_letter_code
;MYKSKILLKYIFSEESEVKDLTEEKYNQDYEALTFSFKEETYQSRLAKKTPTKAGYFVTCWTKDENNCNQPYSKEAFADY
LMIIVIDEELSGYFLFPRELLVEKGILTTFEHKGKMAFRVYPKW(CME)NQLNKTAGQTQKWQCKYFLNTNKKSYGLEHH
HHHH
;
_entity_poly.pdbx_strand_id   A
#
# COMPACT_ATOMS: atom_id res chain seq x y z
N MET A 1 -0.89 -8.83 20.98
CA MET A 1 -1.50 -9.08 19.64
C MET A 1 -1.07 -10.44 19.08
N TYR A 2 -1.79 -11.47 19.51
CA TYR A 2 -1.65 -12.80 18.94
C TYR A 2 -1.96 -12.80 17.45
N LYS A 3 -1.52 -13.84 16.74
CA LYS A 3 -1.91 -14.02 15.35
C LYS A 3 -3.38 -14.45 15.31
N SER A 4 -3.71 -15.44 16.14
CA SER A 4 -5.06 -15.96 16.32
C SER A 4 -6.20 -14.94 16.32
N LYS A 5 -5.97 -13.77 16.90
CA LYS A 5 -6.96 -12.68 16.92
C LYS A 5 -7.31 -12.22 15.49
N ILE A 6 -6.31 -12.19 14.61
CA ILE A 6 -6.57 -11.88 13.20
C ILE A 6 -7.40 -12.99 12.56
N LEU A 7 -7.07 -14.24 12.86
CA LEU A 7 -7.74 -15.36 12.18
C LEU A 7 -9.07 -15.74 12.78
N LEU A 8 -9.34 -15.23 13.98
CA LEU A 8 -10.67 -15.43 14.56
C LEU A 8 -11.63 -14.47 13.86
N LYS A 9 -11.20 -13.21 13.71
CA LYS A 9 -11.96 -12.21 12.97
C LYS A 9 -12.27 -12.75 11.59
N TYR A 10 -11.29 -13.40 10.96
CA TYR A 10 -11.48 -13.90 9.62
C TYR A 10 -12.29 -15.20 9.61
N ILE A 11 -12.21 -16.02 10.65
CA ILE A 11 -13.04 -17.29 10.70
C ILE A 11 -14.52 -17.05 11.06
N PHE A 12 -14.76 -16.16 11.99
CA PHE A 12 -16.11 -15.76 12.36
C PHE A 12 -16.60 -14.48 11.65
N SER A 13 -15.84 -13.96 10.69
CA SER A 13 -16.36 -12.87 9.85
C SER A 13 -17.63 -13.38 9.19
N GLU A 14 -18.71 -12.62 9.26
CA GLU A 14 -19.95 -13.06 8.62
C GLU A 14 -19.91 -12.83 7.10
N GLU A 15 -19.42 -11.66 6.69
CA GLU A 15 -19.42 -11.29 5.29
C GLU A 15 -18.56 -10.08 5.05
N SER A 16 -18.02 -9.99 3.84
CA SER A 16 -17.33 -8.77 3.48
C SER A 16 -18.14 -7.98 2.46
N GLU A 17 -18.39 -6.72 2.81
CA GLU A 17 -18.91 -5.73 1.87
C GLU A 17 -17.87 -5.48 0.78
N VAL A 18 -16.68 -6.07 0.94
CA VAL A 18 -15.61 -6.00 -0.07
C VAL A 18 -16.03 -6.76 -1.33
N LYS A 19 -16.18 -6.03 -2.43
CA LYS A 19 -16.63 -6.64 -3.67
C LYS A 19 -15.50 -6.73 -4.69
N ASP A 20 -15.64 -7.69 -5.61
CA ASP A 20 -14.74 -7.87 -6.76
C ASP A 20 -13.26 -8.00 -6.37
N LEU A 21 -12.99 -8.70 -5.29
CA LEU A 21 -11.60 -8.92 -4.87
C LEU A 21 -10.85 -9.70 -5.95
N THR A 22 -9.86 -9.05 -6.56
CA THR A 22 -9.17 -9.63 -7.71
C THR A 22 -7.67 -9.43 -7.58
N GLU A 23 -6.94 -10.45 -8.00
CA GLU A 23 -5.48 -10.40 -7.99
C GLU A 23 -4.99 -9.65 -9.22
N GLU A 24 -4.09 -8.70 -9.01
CA GLU A 24 -3.53 -7.91 -10.10
C GLU A 24 -2.34 -8.66 -10.72
N LYS A 25 -2.19 -8.56 -12.04
CA LYS A 25 -1.12 -9.27 -12.77
C LYS A 25 0.31 -8.77 -12.52
N TYR A 26 0.54 -7.46 -12.51
CA TYR A 26 1.90 -6.94 -12.51
C TYR A 26 2.70 -6.98 -11.20
N ASN A 27 2.07 -6.62 -10.09
CA ASN A 27 2.77 -6.51 -8.80
C ASN A 27 2.48 -7.68 -7.88
N GLN A 28 2.32 -8.85 -8.49
CA GLN A 28 1.96 -10.11 -7.84
C GLN A 28 2.91 -10.54 -6.75
N ASP A 29 4.19 -10.21 -6.95
CA ASP A 29 5.19 -10.38 -5.98
CA ASP A 29 5.18 -10.39 -5.97
C ASP A 29 4.87 -9.74 -4.65
N TYR A 30 4.13 -8.63 -4.71
CA TYR A 30 3.72 -7.91 -3.54
C TYR A 30 2.22 -8.09 -3.31
N GLU A 31 1.72 -9.27 -3.66
CA GLU A 31 0.32 -9.66 -3.46
C GLU A 31 -0.66 -8.58 -3.92
N ALA A 32 -0.50 -8.10 -5.15
CA ALA A 32 -1.34 -6.99 -5.61
C ALA A 32 -2.80 -7.39 -5.78
N LEU A 33 -3.68 -6.58 -5.19
CA LEU A 33 -5.12 -6.83 -5.29
C LEU A 33 -5.92 -5.58 -5.60
N THR A 34 -7.08 -5.78 -6.19
CA THR A 34 -8.01 -4.72 -6.51
C THR A 34 -9.36 -5.14 -5.96
N PHE A 35 -10.13 -4.18 -5.47
CA PHE A 35 -11.46 -4.46 -4.91
C PHE A 35 -12.20 -3.15 -4.68
N SER A 36 -13.50 -3.26 -4.49
CA SER A 36 -14.29 -2.12 -4.09
C SER A 36 -14.88 -2.33 -2.70
N PHE A 37 -15.08 -1.22 -1.99
CA PHE A 37 -15.71 -1.20 -0.68
C PHE A 37 -16.51 0.09 -0.61
N LYS A 38 -17.81 -0.06 -0.35
CA LYS A 38 -18.75 1.05 -0.26
C LYS A 38 -18.66 2.01 -1.45
N GLU A 39 -18.77 1.43 -2.65
CA GLU A 39 -18.74 2.15 -3.93
C GLU A 39 -17.41 2.84 -4.21
N GLU A 40 -16.35 2.47 -3.49
CA GLU A 40 -15.03 3.05 -3.73
C GLU A 40 -14.01 2.00 -4.15
N THR A 41 -13.10 2.39 -5.03
CA THR A 41 -12.11 1.45 -5.55
C THR A 41 -10.81 1.44 -4.76
N TYR A 42 -10.25 0.25 -4.59
CA TYR A 42 -9.03 0.08 -3.84
C TYR A 42 -8.01 -0.73 -4.59
N GLN A 43 -6.76 -0.42 -4.33
CA GLN A 43 -5.63 -1.26 -4.75
C GLN A 43 -4.81 -1.52 -3.47
N SER A 44 -4.52 -2.80 -3.19
CA SER A 44 -3.69 -3.13 -2.03
C SER A 44 -2.40 -3.89 -2.38
N ARG A 45 -1.36 -3.67 -1.56
CA ARG A 45 -0.09 -4.38 -1.62
C ARG A 45 0.38 -4.77 -0.23
N LEU A 46 1.18 -5.85 -0.18
CA LEU A 46 1.95 -6.29 0.99
C LEU A 46 3.41 -5.88 0.78
N ALA A 47 3.87 -4.90 1.55
CA ALA A 47 5.24 -4.41 1.44
C ALA A 47 6.22 -5.47 1.97
N LYS A 48 7.50 -5.30 1.63
CA LYS A 48 8.58 -6.23 1.97
C LYS A 48 9.69 -5.58 2.74
N LYS A 49 10.14 -6.27 3.77
CA LYS A 49 11.40 -5.91 4.41
C LYS A 49 12.57 -6.34 3.51
N THR A 50 13.48 -5.41 3.24
CA THR A 50 14.69 -5.72 2.50
C THR A 50 15.88 -5.69 3.49
N PRO A 51 16.98 -6.41 3.18
CA PRO A 51 17.95 -6.70 4.25
C PRO A 51 18.75 -5.48 4.73
N THR A 52 19.17 -4.62 3.80
CA THR A 52 20.14 -3.56 4.08
C THR A 52 19.48 -2.20 4.32
N LYS A 53 18.17 -2.15 4.21
CA LYS A 53 17.48 -0.89 4.24
C LYS A 53 16.31 -0.90 5.19
N ALA A 54 16.06 0.26 5.77
CA ALA A 54 14.96 0.45 6.71
C ALA A 54 13.64 0.58 5.96
N GLY A 55 12.54 0.52 6.71
CA GLY A 55 11.23 0.68 6.13
C GLY A 55 10.84 -0.57 5.39
N TYR A 56 9.78 -0.47 4.59
CA TYR A 56 9.29 -1.59 3.82
C TYR A 56 9.09 -1.13 2.39
N PHE A 57 9.71 -1.86 1.47
CA PHE A 57 9.64 -1.61 0.05
C PHE A 57 8.34 -2.15 -0.54
N VAL A 58 7.77 -1.39 -1.46
CA VAL A 58 6.57 -1.81 -2.20
C VAL A 58 6.59 -1.29 -3.65
N THR A 59 6.07 -2.11 -4.57
CA THR A 59 5.91 -1.71 -5.97
C THR A 59 4.48 -1.31 -6.35
N CYS A 60 4.37 -0.28 -7.20
CA CYS A 60 3.08 0.16 -7.72
C CYS A 60 3.28 0.53 -9.19
N TRP A 61 3.09 -0.44 -10.07
CA TRP A 61 3.29 -0.15 -11.48
C TRP A 61 2.50 -1.01 -12.42
N THR A 62 2.33 -0.46 -13.63
CA THR A 62 1.57 -1.11 -14.67
C THR A 62 2.36 -1.17 -15.98
N LYS A 63 1.80 -1.87 -16.96
CA LYS A 63 2.37 -1.87 -18.32
C LYS A 63 1.52 -1.03 -19.28
N ASP A 64 2.19 -0.17 -20.05
CA ASP A 64 1.51 0.59 -21.10
C ASP A 64 1.30 -0.27 -22.35
N GLU A 65 0.73 0.34 -23.40
CA GLU A 65 0.43 -0.35 -24.65
C GLU A 65 1.69 -0.87 -25.36
N ASN A 66 2.82 -0.25 -25.07
CA ASN A 66 4.09 -0.67 -25.66
C ASN A 66 4.82 -1.68 -24.80
N ASN A 67 4.11 -2.28 -23.84
CA ASN A 67 4.69 -3.26 -22.90
C ASN A 67 5.80 -2.71 -21.99
N CYS A 68 5.84 -1.38 -21.82
CA CYS A 68 6.84 -0.77 -20.95
C CYS A 68 6.25 -0.57 -19.56
N ASN A 69 7.00 -0.92 -18.53
CA ASN A 69 6.63 -0.64 -17.14
C ASN A 69 6.46 0.83 -16.88
N GLN A 70 5.39 1.19 -16.19
CA GLN A 70 5.12 2.61 -15.92
C GLN A 70 4.48 2.79 -14.54
N PRO A 71 4.67 3.98 -13.92
CA PRO A 71 3.84 4.29 -12.76
C PRO A 71 2.39 4.42 -13.24
N TYR A 72 1.43 4.25 -12.33
CA TYR A 72 0.01 4.51 -12.63
C TYR A 72 -0.17 6.02 -12.77
N SER A 73 -1.10 6.41 -13.63
CA SER A 73 -1.47 7.79 -13.81
C SER A 73 -2.56 8.16 -12.80
N LYS A 74 -2.60 9.45 -12.47
CA LYS A 74 -3.67 10.02 -11.66
C LYS A 74 -5.04 9.51 -12.13
N GLU A 75 -5.27 9.61 -13.43
CA GLU A 75 -6.59 9.41 -14.02
C GLU A 75 -7.07 7.98 -14.02
N ALA A 76 -6.15 7.02 -14.03
CA ALA A 76 -6.52 5.62 -14.11
C ALA A 76 -6.60 4.91 -12.76
N PHE A 77 -6.00 5.49 -11.73
CA PHE A 77 -5.86 4.80 -10.44
C PHE A 77 -7.14 4.77 -9.59
N ALA A 78 -7.21 3.77 -8.72
CA ALA A 78 -8.26 3.62 -7.72
C ALA A 78 -8.31 4.81 -6.77
N ASP A 79 -9.41 4.91 -6.03
CA ASP A 79 -9.56 6.00 -5.07
C ASP A 79 -8.54 5.88 -3.93
N TYR A 80 -8.21 4.66 -3.54
CA TYR A 80 -7.24 4.44 -2.47
C TYR A 80 -6.16 3.43 -2.81
N LEU A 81 -4.96 3.63 -2.26
CA LEU A 81 -3.94 2.59 -2.25
C LEU A 81 -3.72 2.06 -0.82
N MET A 82 -3.88 0.76 -0.62
CA MET A 82 -3.66 0.23 0.71
C MET A 82 -2.36 -0.56 0.82
N ILE A 83 -1.41 -0.06 1.61
CA ILE A 83 -0.16 -0.81 1.87
C ILE A 83 -0.20 -1.59 3.18
N ILE A 84 -0.27 -2.91 3.11
CA ILE A 84 -0.24 -3.75 4.30
C ILE A 84 1.22 -4.02 4.69
N VAL A 85 1.55 -3.92 5.99
CA VAL A 85 2.84 -4.37 6.54
C VAL A 85 2.63 -5.51 7.57
N ILE A 86 3.33 -6.61 7.37
CA ILE A 86 3.33 -7.73 8.31
C ILE A 86 4.75 -8.14 8.63
N ASP A 87 5.16 -7.88 9.87
CA ASP A 87 6.52 -8.07 10.30
C ASP A 87 6.49 -8.75 11.68
N GLU A 88 6.20 -10.06 11.69
CA GLU A 88 6.05 -10.85 12.93
C GLU A 88 5.01 -10.27 13.88
N GLU A 89 5.50 -9.80 15.02
CA GLU A 89 4.71 -9.25 16.12
C GLU A 89 4.11 -7.90 15.76
N LEU A 90 4.40 -7.42 14.56
CA LEU A 90 3.88 -6.13 14.14
C LEU A 90 3.14 -6.16 12.81
N SER A 91 1.89 -5.67 12.81
CA SER A 91 1.18 -5.42 11.57
C SER A 91 0.43 -4.11 11.61
N GLY A 92 0.18 -3.54 10.44
CA GLY A 92 -0.50 -2.27 10.27
C GLY A 92 -0.78 -2.08 8.79
N TYR A 93 -1.49 -1.01 8.44
CA TYR A 93 -1.64 -0.66 7.05
C TYR A 93 -1.67 0.85 6.87
N PHE A 94 -1.15 1.30 5.74
CA PHE A 94 -1.39 2.65 5.32
C PHE A 94 -2.58 2.56 4.36
N LEU A 95 -3.29 3.67 4.23
CA LEU A 95 -4.34 3.79 3.25
C LEU A 95 -4.21 5.20 2.70
N PHE A 96 -3.64 5.33 1.51
CA PHE A 96 -3.39 6.66 0.93
C PHE A 96 -4.41 6.94 -0.12
N PRO A 97 -5.11 8.10 -0.04
CA PRO A 97 -6.03 8.38 -1.13
C PRO A 97 -5.28 8.81 -2.40
N ARG A 98 -5.83 8.45 -3.54
CA ARG A 98 -5.24 8.81 -4.84
C ARG A 98 -4.64 10.22 -4.84
N GLU A 99 -5.36 11.20 -4.30
CA GLU A 99 -4.90 12.59 -4.39
C GLU A 99 -3.61 12.85 -3.58
N LEU A 100 -3.43 12.09 -2.51
CA LEU A 100 -2.18 12.13 -1.77
C LEU A 100 -1.02 11.55 -2.62
N LEU A 101 -1.27 10.40 -3.25
CA LEU A 101 -0.31 9.81 -4.16
C LEU A 101 0.17 10.83 -5.21
N VAL A 102 -0.75 11.64 -5.74
CA VAL A 102 -0.40 12.67 -6.70
C VAL A 102 0.51 13.75 -6.09
N GLU A 103 0.16 14.21 -4.89
CA GLU A 103 0.87 15.26 -4.19
C GLU A 103 2.32 14.87 -3.91
N LYS A 104 2.53 13.57 -3.73
CA LYS A 104 3.84 12.99 -3.35
C LYS A 104 4.60 12.35 -4.51
N GLY A 105 4.07 12.45 -5.73
CA GLY A 105 4.83 12.04 -6.91
C GLY A 105 4.80 10.55 -7.19
N ILE A 106 3.93 9.82 -6.51
CA ILE A 106 3.81 8.39 -6.82
C ILE A 106 3.03 8.19 -8.12
N LEU A 107 1.91 8.87 -8.32
CA LEU A 107 1.15 8.73 -9.56
C LEU A 107 1.57 9.74 -10.60
N THR A 108 1.55 9.33 -11.87
CA THR A 108 1.85 10.25 -12.99
C THR A 108 0.76 11.32 -13.22
N THR A 109 1.18 12.55 -13.47
CA THR A 109 0.30 13.58 -13.98
C THR A 109 0.89 14.13 -15.28
N PHE A 110 0.15 15.02 -15.95
CA PHE A 110 0.58 15.61 -17.23
C PHE A 110 1.87 16.42 -17.07
N GLU A 111 2.16 16.74 -15.82
CA GLU A 111 3.23 17.64 -15.42
C GLU A 111 4.54 16.88 -15.17
N HIS A 112 4.43 15.66 -14.64
CA HIS A 112 5.59 14.89 -14.18
C HIS A 112 5.27 13.41 -13.94
N LYS A 113 6.24 12.56 -14.25
CA LYS A 113 6.10 11.11 -14.18
C LYS A 113 6.05 10.64 -12.73
N GLY A 114 5.35 9.54 -12.46
CA GLY A 114 5.28 9.01 -11.11
C GLY A 114 6.48 8.18 -10.69
N LYS A 115 6.22 7.26 -9.76
CA LYS A 115 7.19 6.31 -9.25
C LYS A 115 6.57 4.93 -9.31
N MET A 116 7.41 3.93 -9.59
CA MET A 116 6.97 2.52 -9.70
C MET A 116 7.19 1.71 -8.44
N ALA A 117 7.85 2.34 -7.47
CA ALA A 117 8.26 1.76 -6.20
C ALA A 117 8.48 2.85 -5.17
N PHE A 118 8.17 2.54 -3.91
CA PHE A 118 8.54 3.42 -2.79
C PHE A 118 8.65 2.68 -1.46
N ARG A 119 9.16 3.38 -0.46
CA ARG A 119 9.25 2.84 0.91
C ARG A 119 8.19 3.48 1.81
N VAL A 120 7.60 2.66 2.67
CA VAL A 120 6.69 3.13 3.71
C VAL A 120 7.30 2.86 5.10
N TYR A 121 7.00 3.71 6.05
CA TYR A 121 7.65 3.69 7.36
C TYR A 121 6.62 3.68 8.46
N PRO A 122 6.18 2.48 8.87
CA PRO A 122 5.27 2.34 10.00
C PRO A 122 5.72 3.12 11.24
N LYS A 123 4.77 3.36 12.14
CA LYS A 123 5.05 4.18 13.31
C LYS A 123 6.14 3.60 14.24
N TRP A 124 6.30 2.29 14.23
CA TRP A 124 7.32 1.63 15.02
C TRP A 124 8.79 1.91 14.60
N ASN A 126 12.26 3.38 14.05
CA ASN A 126 13.09 4.32 14.77
C ASN A 126 14.40 4.64 14.03
N GLN A 127 15.15 5.60 14.53
CA GLN A 127 16.50 5.87 14.04
C GLN A 127 16.59 6.08 12.52
N LEU A 128 15.51 6.60 11.92
CA LEU A 128 15.47 6.81 10.47
C LEU A 128 16.38 7.99 10.13
N ASN A 129 16.99 7.98 8.94
CA ASN A 129 17.76 9.14 8.45
C ASN A 129 16.77 10.22 8.00
N LYS A 130 17.26 11.42 7.70
CA LYS A 130 16.37 12.56 7.52
C LYS A 130 15.26 12.36 6.47
N THR A 131 15.63 11.96 5.26
CA THR A 131 14.69 11.81 4.17
C THR A 131 13.58 10.84 4.60
N ALA A 132 14.00 9.66 5.04
CA ALA A 132 13.11 8.62 5.52
C ALA A 132 12.27 9.17 6.67
N GLY A 133 12.85 10.07 7.47
CA GLY A 133 12.13 10.74 8.57
C GLY A 133 10.92 11.48 8.05
N GLN A 134 11.17 12.40 7.11
CA GLN A 134 10.15 13.24 6.47
C GLN A 134 9.09 12.43 5.72
N THR A 135 9.53 11.44 4.95
CA THR A 135 8.61 10.47 4.39
C THR A 135 7.71 9.95 5.50
N GLN A 136 8.32 9.50 6.60
CA GLN A 136 7.58 8.96 7.74
C GLN A 136 6.53 9.90 8.30
N LYS A 137 6.88 11.19 8.41
CA LYS A 137 5.92 12.16 8.92
C LYS A 137 4.60 12.10 8.12
N TRP A 138 4.68 11.93 6.79
CA TRP A 138 3.46 12.06 5.98
C TRP A 138 2.65 10.80 5.80
N GLN A 139 3.29 9.64 5.88
CA GLN A 139 2.54 8.41 5.81
C GLN A 139 1.96 8.19 7.20
N CYS A 140 2.47 8.96 8.16
CA CYS A 140 2.14 8.85 9.60
C CYS A 140 0.65 8.92 9.81
N LYS A 141 0.12 10.00 9.27
CA LYS A 141 -1.27 10.40 9.36
C LYS A 141 -2.22 9.42 8.68
N TYR A 142 -1.68 8.42 7.95
CA TYR A 142 -2.48 7.43 7.19
C TYR A 142 -2.26 6.00 7.67
N PHE A 143 -1.45 5.88 8.73
CA PHE A 143 -1.13 4.59 9.27
C PHE A 143 -2.08 4.19 10.38
N LEU A 144 -2.39 2.90 10.42
CA LEU A 144 -3.12 2.25 11.50
C LEU A 144 -2.47 0.92 11.87
N ASN A 145 -2.14 0.77 13.14
CA ASN A 145 -1.61 -0.49 13.69
C ASN A 145 -2.76 -1.47 13.90
N THR A 146 -2.60 -2.76 13.56
CA THR A 146 -3.68 -3.73 13.83
C THR A 146 -3.88 -3.95 15.34
N ASN A 147 -2.98 -3.38 16.15
CA ASN A 147 -3.00 -3.57 17.60
C ASN A 147 -3.22 -2.23 18.31
N LYS A 148 -4.11 -1.41 17.73
CA LYS A 148 -4.40 -0.06 18.24
C LYS A 148 -5.17 -0.09 19.58
N LYS A 149 -4.94 0.94 20.40
CA LYS A 149 -5.50 1.04 21.76
C LYS A 149 -7.02 0.97 21.80
#